data_3KZM
#
_entry.id   3KZM
#
_cell.length_a   129.303
_cell.length_b   129.303
_cell.length_c   129.303
_cell.angle_alpha   90.000
_cell.angle_beta   90.000
_cell.angle_gamma   90.000
#
_symmetry.space_group_name_H-M   'I 21 3'
#
loop_
_entity.id
_entity.type
_entity.pdbx_description
1 polymer 'N-acetylornithine carbamoyltransferase'
2 non-polymer 'PHOSPHORIC ACID MONO(FORMAMIDE)ESTER'
3 non-polymer GLYCEROL
4 non-polymer 'SULFATE ION'
5 water water
#
_entity_poly.entity_id   1
_entity_poly.type   'polypeptide(L)'
_entity_poly.pdbx_seq_one_letter_code
;MGSSHHHHHHSSGLVPRGSHMSLKHFLNTQDWSRAELDALLTQAALFKRNKLGSELKGKSIALVFFNPSMRTRTSFELGA
FQLGGHAVVLQPGKDAWPIEFNLGTVMDGDTEEHIAEVARVLGRYVDLIGVRAFPKFVDWSKDREDQVLKSFAKYSPVPV
INMETITHPCQELAHALALQEHFGTPDLRGKKYVLTWTYHPKPLNTAVANSALTIATRMGMDVTLLCPTPDYILDERYMD
WAAQNVAESGGSLQVSHDIDSAYAGADVVYAKSWGALPFFGNWEPEKPIRDQYQHFIVDERKMALTNNGVFSHCLPLRRN
V(KCX)ATDAVMDSPNCIAIDEAENRLHVQKAIMAALVGQSRP
;
_entity_poly.pdbx_strand_id   A
#
# COMPACT_ATOMS: atom_id res chain seq x y z
N LEU A 23 -7.64 -20.10 8.60
CA LEU A 23 -7.13 -18.89 9.32
C LEU A 23 -7.22 -17.67 8.41
N LYS A 24 -7.71 -16.57 8.96
CA LYS A 24 -7.88 -15.32 8.22
C LYS A 24 -6.70 -14.37 8.39
N HIS A 25 -6.15 -13.91 7.26
CA HIS A 25 -5.02 -12.99 7.25
C HIS A 25 -5.45 -11.68 6.59
N PHE A 26 -4.56 -10.71 6.58
CA PHE A 26 -4.82 -9.44 5.90
C PHE A 26 -3.64 -9.23 4.97
N LEU A 27 -3.67 -9.93 3.85
CA LEU A 27 -2.60 -9.87 2.85
C LEU A 27 -2.95 -8.87 1.76
N ASN A 28 -4.24 -8.83 1.40
CA ASN A 28 -4.73 -7.92 0.36
C ASN A 28 -6.22 -7.69 0.56
N THR A 29 -6.68 -6.50 0.23
CA THR A 29 -8.11 -6.18 0.40
C THR A 29 -8.92 -7.01 -0.58
N GLN A 30 -8.28 -7.41 -1.68
CA GLN A 30 -8.94 -8.21 -2.71
C GLN A 30 -9.42 -9.56 -2.17
N ASP A 31 -8.76 -10.06 -1.12
CA ASP A 31 -9.16 -11.34 -0.51
C ASP A 31 -10.37 -11.18 0.42
N TRP A 32 -10.68 -9.93 0.76
CA TRP A 32 -11.79 -9.64 1.66
C TRP A 32 -13.05 -9.21 0.93
N SER A 33 -14.21 -9.56 1.47
CA SER A 33 -15.47 -9.17 0.84
C SER A 33 -15.68 -7.68 1.10
N ARG A 34 -16.58 -7.07 0.33
CA ARG A 34 -16.86 -5.65 0.50
C ARG A 34 -17.46 -5.37 1.87
N ALA A 35 -18.25 -6.31 2.38
CA ALA A 35 -18.87 -6.15 3.68
C ALA A 35 -17.82 -6.18 4.78
N GLU A 36 -16.81 -7.04 4.61
CA GLU A 36 -15.75 -7.15 5.61
C GLU A 36 -14.88 -5.89 5.59
N LEU A 37 -14.62 -5.37 4.40
CA LEU A 37 -13.82 -4.15 4.26
C LEU A 37 -14.58 -2.96 4.84
N ASP A 38 -15.88 -2.90 4.58
CA ASP A 38 -16.72 -1.81 5.08
C ASP A 38 -16.71 -1.84 6.60
N ALA A 39 -16.76 -3.04 7.17
CA ALA A 39 -16.75 -3.19 8.62
C ALA A 39 -15.40 -2.69 9.17
N LEU A 40 -14.32 -2.99 8.46
CA LEU A 40 -13.00 -2.54 8.89
C LEU A 40 -12.93 -1.01 8.90
N LEU A 41 -13.40 -0.39 7.83
CA LEU A 41 -13.37 1.06 7.73
C LEU A 41 -14.22 1.71 8.81
N THR A 42 -15.35 1.08 9.13
CA THR A 42 -16.22 1.59 10.18
C THR A 42 -15.59 1.44 11.56
N GLN A 43 -14.93 0.32 11.82
CA GLN A 43 -14.28 0.14 13.11
C GLN A 43 -13.16 1.17 13.23
N ALA A 44 -12.50 1.45 12.09
CA ALA A 44 -11.42 2.42 12.06
C ALA A 44 -11.94 3.79 12.46
N ALA A 45 -13.11 4.15 11.94
CA ALA A 45 -13.71 5.44 12.27
C ALA A 45 -14.06 5.47 13.75
N LEU A 46 -14.48 4.32 14.30
CA LEU A 46 -14.84 4.24 15.72
C LEU A 46 -13.60 4.42 16.60
N PHE A 47 -12.49 3.78 16.21
CA PHE A 47 -11.24 3.91 16.96
C PHE A 47 -10.74 5.34 16.90
N LYS A 48 -11.01 6.03 15.79
CA LYS A 48 -10.57 7.41 15.65
C LYS A 48 -11.29 8.29 16.67
N ARG A 49 -12.48 7.87 17.10
CA ARG A 49 -13.24 8.64 18.08
C ARG A 49 -12.89 8.26 19.52
N ASN A 50 -12.51 7.00 19.73
CA ASN A 50 -12.14 6.48 21.05
C ASN A 50 -10.89 5.63 20.79
N LYS A 51 -9.72 6.24 20.90
CA LYS A 51 -8.49 5.52 20.59
C LYS A 51 -7.96 4.50 21.59
N LEU A 52 -8.27 4.65 22.87
CA LEU A 52 -7.78 3.67 23.85
C LEU A 52 -8.82 2.56 24.03
N GLY A 53 -8.36 1.31 24.01
CA GLY A 53 -9.26 0.18 24.16
C GLY A 53 -8.55 -1.04 24.71
N SER A 54 -9.25 -2.17 24.81
CA SER A 54 -8.64 -3.37 25.34
C SER A 54 -8.69 -4.55 24.36
N GLU A 55 -8.94 -4.25 23.09
CA GLU A 55 -9.01 -5.30 22.06
C GLU A 55 -7.75 -6.17 21.97
N LEU A 56 -6.60 -5.63 22.36
CA LEU A 56 -5.36 -6.41 22.31
C LEU A 56 -4.71 -6.51 23.69
N LYS A 57 -5.51 -6.42 24.74
CA LYS A 57 -4.97 -6.49 26.11
C LYS A 57 -4.19 -7.76 26.40
N GLY A 58 -2.91 -7.60 26.70
CA GLY A 58 -2.06 -8.73 27.00
C GLY A 58 -1.58 -9.46 25.76
N LYS A 59 -1.99 -8.99 24.59
CA LYS A 59 -1.61 -9.62 23.32
C LYS A 59 -0.43 -8.89 22.69
N SER A 60 0.18 -9.51 21.69
CA SER A 60 1.33 -8.90 21.04
C SER A 60 1.39 -9.16 19.55
N ILE A 61 2.16 -8.33 18.86
CA ILE A 61 2.34 -8.47 17.43
C ILE A 61 3.82 -8.33 17.11
N ALA A 62 4.32 -9.20 16.24
CA ALA A 62 5.72 -9.14 15.82
C ALA A 62 5.72 -8.37 14.51
N LEU A 63 6.38 -7.21 14.50
CA LEU A 63 6.46 -6.39 13.29
C LEU A 63 7.81 -6.68 12.63
N VAL A 64 7.78 -7.55 11.61
CA VAL A 64 9.00 -7.94 10.91
C VAL A 64 9.30 -7.05 9.70
N PHE A 65 10.34 -6.24 9.81
CA PHE A 65 10.73 -5.31 8.75
C PHE A 65 11.97 -5.73 7.98
N PHE A 66 11.84 -5.98 6.68
CA PHE A 66 12.99 -6.33 5.88
C PHE A 66 13.51 -5.07 5.17
N ASN A 67 12.78 -3.96 5.37
CA ASN A 67 13.13 -2.66 4.78
C ASN A 67 12.76 -1.54 5.76
N PRO A 68 13.33 -0.32 5.57
CA PRO A 68 13.06 0.83 6.43
C PRO A 68 11.58 1.20 6.53
N SER A 69 11.24 1.97 7.56
CA SER A 69 9.86 2.43 7.75
C SER A 69 9.76 3.50 8.83
N MET A 70 8.89 4.49 8.61
CA MET A 70 8.67 5.50 9.62
C MET A 70 7.20 5.46 10.02
N ARG A 71 6.30 5.64 9.06
CA ARG A 71 4.87 5.63 9.35
C ARG A 71 4.34 4.27 9.81
N THR A 72 4.68 3.23 9.06
CA THR A 72 4.20 1.89 9.38
C THR A 72 4.69 1.37 10.73
N ARG A 73 5.98 1.51 11.03
CA ARG A 73 6.48 1.06 12.31
C ARG A 73 5.83 1.85 13.45
N THR A 74 5.84 3.18 13.34
CA THR A 74 5.26 4.03 14.38
C THR A 74 3.76 3.77 14.59
N SER A 75 2.97 3.78 13.52
CA SER A 75 1.53 3.56 13.66
C SER A 75 1.18 2.18 14.23
N PHE A 76 1.85 1.13 13.77
CA PHE A 76 1.57 -0.21 14.32
C PHE A 76 2.00 -0.32 15.78
N GLU A 77 3.18 0.19 16.10
CA GLU A 77 3.66 0.10 17.48
C GLU A 77 2.72 0.83 18.43
N LEU A 78 2.29 2.03 18.04
CA LEU A 78 1.37 2.80 18.87
C LEU A 78 -0.01 2.18 18.93
N GLY A 79 -0.46 1.62 17.80
CA GLY A 79 -1.76 0.99 17.75
C GLY A 79 -1.85 -0.17 18.73
N ALA A 80 -0.78 -0.97 18.79
CA ALA A 80 -0.75 -2.12 19.70
C ALA A 80 -0.80 -1.58 21.13
N PHE A 81 0.00 -0.55 21.40
CA PHE A 81 0.01 0.06 22.74
C PHE A 81 -1.35 0.60 23.17
N GLN A 82 -2.01 1.34 22.29
CA GLN A 82 -3.31 1.93 22.61
C GLN A 82 -4.43 0.92 22.84
N LEU A 83 -4.25 -0.31 22.34
CA LEU A 83 -5.25 -1.37 22.52
C LEU A 83 -4.83 -2.34 23.64
N GLY A 84 -3.85 -1.94 24.44
CA GLY A 84 -3.40 -2.76 25.55
C GLY A 84 -2.40 -3.87 25.23
N GLY A 85 -1.92 -3.90 24.00
CA GLY A 85 -0.98 -4.92 23.59
C GLY A 85 0.44 -4.38 23.51
N HIS A 86 1.32 -5.15 22.86
CA HIS A 86 2.72 -4.78 22.72
C HIS A 86 3.27 -5.27 21.39
N ALA A 87 3.98 -4.39 20.70
CA ALA A 87 4.60 -4.74 19.42
C ALA A 87 6.09 -4.98 19.61
N VAL A 88 6.60 -6.05 19.02
CA VAL A 88 8.04 -6.35 19.06
C VAL A 88 8.55 -6.07 17.65
N VAL A 89 9.49 -5.14 17.51
CA VAL A 89 10.02 -4.78 16.20
C VAL A 89 11.29 -5.55 15.88
N LEU A 90 11.25 -6.29 14.79
CA LEU A 90 12.37 -7.13 14.37
C LEU A 90 12.88 -6.75 12.98
N GLN A 91 14.20 -6.79 12.80
CA GLN A 91 14.81 -6.45 11.51
C GLN A 91 15.82 -7.51 11.08
N PRO A 92 15.36 -8.54 10.33
CA PRO A 92 16.22 -9.62 9.84
C PRO A 92 17.38 -9.07 9.02
N GLY A 93 18.58 -9.57 9.31
CA GLY A 93 19.76 -9.09 8.60
C GLY A 93 20.38 -7.92 9.34
N LYS A 94 19.63 -7.37 10.29
CA LYS A 94 20.13 -6.25 11.09
C LYS A 94 20.27 -6.68 12.54
N ASP A 95 19.17 -6.72 13.29
CA ASP A 95 19.23 -7.14 14.69
C ASP A 95 18.80 -8.60 14.85
N ALA A 96 18.11 -9.13 13.84
CA ALA A 96 17.67 -10.51 13.86
C ALA A 96 18.44 -11.27 12.78
N TRP A 97 18.32 -12.60 12.76
CA TRP A 97 19.04 -13.41 11.77
C TRP A 97 18.39 -13.39 10.39
N PRO A 98 19.22 -13.46 9.32
CA PRO A 98 18.71 -13.48 7.94
C PRO A 98 17.88 -14.73 7.69
N ILE A 99 16.78 -14.59 6.97
CA ILE A 99 15.88 -15.71 6.72
C ILE A 99 15.85 -16.29 5.30
N GLU A 100 15.76 -17.60 5.21
CA GLU A 100 15.70 -18.31 3.93
C GLU A 100 14.25 -18.66 3.62
N PHE A 101 13.83 -18.45 2.37
CA PHE A 101 12.45 -18.75 2.00
C PHE A 101 12.28 -19.88 0.98
N ASN A 102 13.33 -20.16 0.21
CA ASN A 102 13.27 -21.23 -0.78
C ASN A 102 13.15 -22.59 -0.08
N LEU A 103 12.37 -23.48 -0.68
CA LEU A 103 12.17 -24.82 -0.12
C LEU A 103 13.16 -25.85 -0.63
N GLY A 104 13.46 -26.83 0.21
CA GLY A 104 14.38 -27.89 -0.16
C GLY A 104 15.68 -27.39 -0.76
N THR A 105 16.40 -26.57 0.01
CA THR A 105 17.68 -26.04 -0.45
C THR A 105 18.72 -26.22 0.65
N VAL A 106 19.98 -26.35 0.24
CA VAL A 106 21.07 -26.50 1.20
C VAL A 106 21.45 -25.12 1.72
N MET A 107 21.16 -24.86 2.99
CA MET A 107 21.44 -23.58 3.59
C MET A 107 22.88 -23.38 4.06
N ASP A 108 23.78 -23.18 3.10
CA ASP A 108 25.19 -22.96 3.39
C ASP A 108 25.61 -21.59 2.86
N GLY A 109 24.64 -20.70 2.73
CA GLY A 109 24.92 -19.36 2.24
C GLY A 109 24.82 -18.28 3.30
N ASP A 110 24.16 -17.17 2.97
CA ASP A 110 24.01 -16.06 3.90
C ASP A 110 22.87 -16.21 4.91
N THR A 111 21.83 -16.94 4.53
CA THR A 111 20.70 -17.14 5.45
C THR A 111 21.05 -18.11 6.59
N GLU A 112 20.58 -17.78 7.80
CA GLU A 112 20.86 -18.60 8.99
C GLU A 112 19.76 -19.58 9.38
N GLU A 113 18.51 -19.20 9.16
CA GLU A 113 17.38 -20.09 9.48
C GLU A 113 16.29 -19.97 8.43
N HIS A 114 15.40 -20.96 8.41
CA HIS A 114 14.32 -21.01 7.44
C HIS A 114 13.00 -20.42 7.95
N ILE A 115 12.22 -19.82 7.05
CA ILE A 115 10.93 -19.22 7.40
C ILE A 115 10.00 -20.24 8.05
N ALA A 116 10.18 -21.52 7.71
CA ALA A 116 9.34 -22.56 8.31
C ALA A 116 9.53 -22.52 9.83
N GLU A 117 10.77 -22.38 10.28
CA GLU A 117 11.04 -22.32 11.71
C GLU A 117 10.70 -20.96 12.30
N VAL A 118 11.06 -19.89 11.59
CA VAL A 118 10.80 -18.54 12.08
C VAL A 118 9.33 -18.26 12.33
N ALA A 119 8.47 -18.68 11.39
CA ALA A 119 7.03 -18.45 11.52
C ALA A 119 6.42 -19.26 12.66
N ARG A 120 6.90 -20.49 12.82
CA ARG A 120 6.41 -21.36 13.89
C ARG A 120 6.86 -20.85 15.25
N VAL A 121 8.11 -20.40 15.35
CA VAL A 121 8.63 -19.88 16.60
C VAL A 121 7.88 -18.61 17.01
N LEU A 122 7.79 -17.65 16.09
CA LEU A 122 7.06 -16.41 16.39
C LEU A 122 5.65 -16.74 16.81
N GLY A 123 5.09 -17.75 16.15
CA GLY A 123 3.73 -18.17 16.46
C GLY A 123 3.55 -18.68 17.88
N ARG A 124 4.65 -19.01 18.55
CA ARG A 124 4.58 -19.48 19.93
C ARG A 124 4.73 -18.29 20.90
N TYR A 125 5.11 -17.14 20.36
CA TYR A 125 5.33 -15.93 21.16
C TYR A 125 4.22 -14.88 21.02
N VAL A 126 3.95 -14.47 19.79
CA VAL A 126 2.96 -13.44 19.52
C VAL A 126 1.63 -13.93 18.98
N ASP A 127 0.66 -13.02 18.92
CA ASP A 127 -0.69 -13.33 18.46
C ASP A 127 -0.95 -12.89 17.03
N LEU A 128 -0.04 -12.06 16.51
CA LEU A 128 -0.15 -11.53 15.15
C LEU A 128 1.25 -11.27 14.60
N ILE A 129 1.39 -11.36 13.29
CA ILE A 129 2.68 -11.08 12.67
C ILE A 129 2.50 -10.14 11.48
N GLY A 130 3.19 -9.02 11.50
CA GLY A 130 3.13 -8.07 10.39
C GLY A 130 4.42 -8.26 9.61
N VAL A 131 4.37 -8.14 8.29
CA VAL A 131 5.59 -8.32 7.52
C VAL A 131 5.75 -7.33 6.38
N ARG A 132 6.91 -6.69 6.34
CA ARG A 132 7.25 -5.73 5.30
C ARG A 132 8.46 -6.25 4.53
N ALA A 133 8.29 -6.43 3.23
CA ALA A 133 9.39 -6.93 2.41
C ALA A 133 9.23 -6.43 0.98
N PHE A 134 10.05 -5.46 0.61
CA PHE A 134 10.02 -4.88 -0.74
C PHE A 134 10.62 -5.82 -1.76
N PRO A 135 10.23 -5.68 -3.04
CA PRO A 135 10.82 -6.57 -4.05
C PRO A 135 12.33 -6.32 -4.16
N LYS A 136 13.05 -7.31 -4.66
CA LYS A 136 14.52 -7.20 -4.81
C LYS A 136 14.91 -6.32 -5.99
N PHE A 137 14.00 -6.18 -6.95
CA PHE A 137 14.22 -5.38 -8.15
C PHE A 137 15.19 -6.01 -9.14
N VAL A 138 15.44 -7.32 -9.01
CA VAL A 138 16.33 -8.01 -9.92
C VAL A 138 15.51 -8.69 -11.02
N ASP A 139 14.40 -9.31 -10.62
CA ASP A 139 13.54 -10.01 -11.57
C ASP A 139 12.08 -9.96 -11.10
N TRP A 140 11.26 -9.18 -11.81
CA TRP A 140 9.85 -9.04 -11.46
C TRP A 140 9.11 -10.37 -11.43
N SER A 141 9.50 -11.28 -12.32
CA SER A 141 8.88 -12.59 -12.38
C SER A 141 8.99 -13.27 -11.01
N LYS A 142 10.05 -12.97 -10.29
CA LYS A 142 10.23 -13.55 -8.96
C LYS A 142 9.63 -12.66 -7.88
N ASP A 143 9.77 -11.35 -8.03
CA ASP A 143 9.21 -10.41 -7.04
C ASP A 143 7.69 -10.48 -6.99
N ARG A 144 7.05 -10.63 -8.16
CA ARG A 144 5.59 -10.68 -8.22
C ARG A 144 4.96 -11.89 -7.55
N GLU A 145 5.76 -12.89 -7.23
CA GLU A 145 5.21 -14.07 -6.57
C GLU A 145 4.89 -13.77 -5.11
N ASP A 146 5.46 -12.70 -4.57
CA ASP A 146 5.18 -12.30 -3.19
C ASP A 146 5.58 -13.45 -2.25
N GLN A 147 6.76 -14.01 -2.47
CA GLN A 147 7.26 -15.14 -1.69
C GLN A 147 7.36 -14.96 -0.18
N VAL A 148 7.90 -13.84 0.27
CA VAL A 148 8.03 -13.61 1.70
C VAL A 148 6.69 -13.60 2.42
N LEU A 149 5.77 -12.77 1.95
CA LEU A 149 4.44 -12.67 2.57
C LEU A 149 3.71 -14.00 2.53
N LYS A 150 3.71 -14.67 1.38
CA LYS A 150 3.02 -15.95 1.24
C LYS A 150 3.62 -17.03 2.14
N SER A 151 4.94 -17.00 2.32
CA SER A 151 5.59 -17.99 3.17
C SER A 151 5.22 -17.75 4.64
N PHE A 152 5.12 -16.49 5.05
CA PHE A 152 4.72 -16.22 6.41
C PHE A 152 3.29 -16.72 6.63
N ALA A 153 2.41 -16.43 5.68
CA ALA A 153 1.01 -16.85 5.79
C ALA A 153 0.86 -18.37 5.77
N LYS A 154 1.76 -19.04 5.07
CA LYS A 154 1.73 -20.49 4.94
C LYS A 154 2.17 -21.22 6.20
N TYR A 155 3.26 -20.77 6.81
CA TYR A 155 3.79 -21.41 7.99
C TYR A 155 3.36 -20.86 9.35
N SER A 156 2.84 -19.64 9.37
CA SER A 156 2.41 -19.04 10.64
C SER A 156 1.10 -19.59 11.20
N PRO A 157 1.06 -19.87 12.51
CA PRO A 157 -0.16 -20.39 13.12
C PRO A 157 -1.06 -19.25 13.59
N VAL A 158 -0.58 -18.01 13.42
CA VAL A 158 -1.36 -16.83 13.81
C VAL A 158 -1.51 -15.93 12.58
N PRO A 159 -2.51 -15.03 12.59
CA PRO A 159 -2.74 -14.13 11.45
C PRO A 159 -1.55 -13.29 11.04
N VAL A 160 -1.39 -13.14 9.73
CA VAL A 160 -0.30 -12.37 9.13
C VAL A 160 -0.89 -11.11 8.49
N ILE A 161 -0.18 -9.99 8.65
CA ILE A 161 -0.60 -8.70 8.10
C ILE A 161 0.45 -8.12 7.16
N ASN A 162 0.02 -7.72 5.97
CA ASN A 162 0.89 -7.15 4.95
C ASN A 162 1.24 -5.70 5.33
N MET A 163 2.51 -5.42 5.63
CA MET A 163 2.96 -4.08 5.99
C MET A 163 3.65 -3.40 4.80
N GLU A 164 3.43 -3.99 3.63
CA GLU A 164 3.93 -3.59 2.30
C GLU A 164 4.96 -4.51 1.67
N THR A 165 4.58 -5.11 0.55
CA THR A 165 5.44 -5.99 -0.24
C THR A 165 5.27 -5.51 -1.68
N ILE A 166 4.40 -6.18 -2.45
CA ILE A 166 4.15 -5.75 -3.83
C ILE A 166 2.78 -5.05 -3.90
N THR A 167 2.11 -4.99 -2.75
CA THR A 167 0.83 -4.29 -2.57
C THR A 167 0.97 -3.67 -1.17
N HIS A 168 0.14 -2.69 -0.85
CA HIS A 168 0.20 -2.00 0.45
C HIS A 168 -1.25 -1.81 0.90
N PRO A 169 -1.95 -2.90 1.26
CA PRO A 169 -3.34 -2.88 1.70
C PRO A 169 -3.70 -2.00 2.90
N CYS A 170 -2.77 -1.83 3.85
CA CYS A 170 -3.06 -0.97 4.99
C CYS A 170 -3.14 0.46 4.46
N GLN A 171 -2.32 0.77 3.47
CA GLN A 171 -2.35 2.11 2.90
C GLN A 171 -3.67 2.31 2.15
N GLU A 172 -4.15 1.26 1.49
CA GLU A 172 -5.41 1.34 0.76
C GLU A 172 -6.56 1.79 1.65
N LEU A 173 -6.69 1.17 2.83
CA LEU A 173 -7.78 1.51 3.72
C LEU A 173 -7.65 2.89 4.37
N ALA A 174 -6.41 3.31 4.65
CA ALA A 174 -6.17 4.63 5.25
C ALA A 174 -6.57 5.67 4.19
N HIS A 175 -6.20 5.38 2.94
CA HIS A 175 -6.50 6.23 1.80
C HIS A 175 -8.02 6.31 1.60
N ALA A 176 -8.67 5.15 1.58
CA ALA A 176 -10.11 5.08 1.41
C ALA A 176 -10.86 5.85 2.50
N LEU A 177 -10.46 5.65 3.75
CA LEU A 177 -11.11 6.35 4.86
C LEU A 177 -10.96 7.86 4.69
N ALA A 178 -9.74 8.31 4.38
CA ALA A 178 -9.49 9.73 4.19
C ALA A 178 -10.40 10.32 3.11
N LEU A 179 -10.63 9.56 2.04
CA LEU A 179 -11.49 10.04 0.96
C LEU A 179 -12.93 10.14 1.42
N GLN A 180 -13.41 9.12 2.14
CA GLN A 180 -14.78 9.15 2.64
C GLN A 180 -14.98 10.31 3.60
N GLU A 181 -13.97 10.62 4.39
CA GLU A 181 -14.05 11.72 5.34
C GLU A 181 -14.08 13.06 4.60
N HIS A 182 -13.28 13.16 3.54
CA HIS A 182 -13.22 14.38 2.74
C HIS A 182 -14.56 14.69 2.06
N PHE A 183 -15.14 13.70 1.39
CA PHE A 183 -16.40 13.90 0.70
C PHE A 183 -17.61 13.77 1.62
N GLY A 184 -17.36 13.42 2.88
CA GLY A 184 -18.43 13.29 3.86
C GLY A 184 -19.44 12.18 3.63
N THR A 185 -18.99 11.08 3.02
CA THR A 185 -19.86 9.95 2.75
C THR A 185 -19.04 8.70 2.49
N PRO A 186 -19.58 7.52 2.82
CA PRO A 186 -18.85 6.26 2.60
C PRO A 186 -18.98 5.82 1.14
N ASP A 187 -19.97 6.38 0.45
CA ASP A 187 -20.21 6.04 -0.95
C ASP A 187 -19.46 6.97 -1.90
N LEU A 188 -18.40 6.45 -2.50
CA LEU A 188 -17.57 7.22 -3.43
C LEU A 188 -17.87 6.99 -4.91
N ARG A 189 -18.92 6.23 -5.20
CA ARG A 189 -19.27 5.97 -6.61
C ARG A 189 -19.48 7.29 -7.36
N GLY A 190 -19.05 7.32 -8.61
CA GLY A 190 -19.23 8.53 -9.39
C GLY A 190 -18.07 9.50 -9.37
N LYS A 191 -17.25 9.44 -8.33
CA LYS A 191 -16.11 10.33 -8.24
C LYS A 191 -15.05 9.98 -9.29
N LYS A 192 -14.44 11.02 -9.88
CA LYS A 192 -13.41 10.82 -10.88
C LYS A 192 -12.08 10.67 -10.15
N TYR A 193 -11.47 9.49 -10.26
CA TYR A 193 -10.21 9.19 -9.60
C TYR A 193 -9.06 9.04 -10.58
N VAL A 194 -7.99 9.82 -10.37
CA VAL A 194 -6.84 9.75 -11.24
C VAL A 194 -5.60 9.24 -10.50
N LEU A 195 -5.12 8.08 -10.90
CA LEU A 195 -3.91 7.52 -10.33
C LEU A 195 -2.83 7.89 -11.35
N THR A 196 -2.01 8.88 -11.01
CA THR A 196 -0.97 9.33 -11.92
C THR A 196 0.44 8.96 -11.52
N TRP A 197 1.22 8.58 -12.53
CA TRP A 197 2.62 8.24 -12.35
C TRP A 197 3.34 9.58 -12.13
N THR A 198 4.45 9.55 -11.38
CA THR A 198 5.23 10.77 -11.14
C THR A 198 6.71 10.44 -11.27
N TYR A 199 7.54 11.46 -11.44
CA TYR A 199 8.97 11.26 -11.62
C TYR A 199 9.77 10.94 -10.36
N HIS A 200 10.95 10.35 -10.57
CA HIS A 200 11.87 9.99 -9.51
C HIS A 200 13.16 9.54 -10.18
N PRO A 201 14.31 10.05 -9.73
CA PRO A 201 15.62 9.71 -10.30
C PRO A 201 15.90 8.20 -10.41
N LYS A 202 15.00 7.38 -9.88
CA LYS A 202 15.17 5.93 -9.94
C LYS A 202 13.83 5.20 -10.01
N PRO A 203 13.84 3.96 -10.52
CA PRO A 203 12.63 3.16 -10.64
C PRO A 203 12.20 2.61 -9.28
N LEU A 204 10.92 2.79 -8.95
CA LEU A 204 10.42 2.33 -7.65
C LEU A 204 9.43 1.17 -7.73
N ASN A 205 9.06 0.69 -6.55
CA ASN A 205 8.12 -0.41 -6.38
C ASN A 205 6.73 0.04 -6.86
N THR A 206 6.01 -0.83 -7.55
CA THR A 206 4.67 -0.52 -8.04
C THR A 206 3.60 -0.75 -6.96
N ALA A 207 4.03 -1.31 -5.83
CA ALA A 207 3.14 -1.64 -4.71
C ALA A 207 2.01 -0.64 -4.42
N VAL A 208 2.35 0.60 -4.10
CA VAL A 208 1.32 1.59 -3.79
C VAL A 208 0.40 1.85 -4.99
N ALA A 209 0.96 1.83 -6.19
CA ALA A 209 0.15 2.06 -7.39
C ALA A 209 -0.79 0.87 -7.57
N ASN A 210 -0.27 -0.33 -7.38
CA ASN A 210 -1.08 -1.54 -7.50
C ASN A 210 -2.25 -1.45 -6.52
N SER A 211 -1.95 -1.01 -5.30
CA SER A 211 -2.97 -0.87 -4.26
C SER A 211 -3.97 0.23 -4.52
N ALA A 212 -3.52 1.37 -5.04
CA ALA A 212 -4.43 2.48 -5.32
C ALA A 212 -5.44 2.07 -6.38
N LEU A 213 -4.96 1.41 -7.42
CA LEU A 213 -5.81 0.96 -8.52
C LEU A 213 -6.83 -0.03 -8.00
N THR A 214 -6.36 -0.91 -7.12
CA THR A 214 -7.21 -1.94 -6.53
C THR A 214 -8.34 -1.37 -5.67
N ILE A 215 -8.01 -0.49 -4.74
CA ILE A 215 -9.01 0.06 -3.85
C ILE A 215 -9.94 1.09 -4.51
N ALA A 216 -9.40 1.93 -5.38
CA ALA A 216 -10.22 2.93 -6.06
C ALA A 216 -11.32 2.27 -6.90
N THR A 217 -11.00 1.14 -7.53
CA THR A 217 -11.98 0.43 -8.34
C THR A 217 -12.94 -0.36 -7.46
N ARG A 218 -12.42 -0.89 -6.35
CA ARG A 218 -13.26 -1.66 -5.43
C ARG A 218 -14.31 -0.73 -4.83
N MET A 219 -13.97 0.55 -4.73
CA MET A 219 -14.87 1.56 -4.18
C MET A 219 -15.85 2.08 -5.24
N GLY A 220 -15.71 1.60 -6.47
CA GLY A 220 -16.62 2.01 -7.53
C GLY A 220 -16.43 3.38 -8.15
N MET A 221 -15.21 3.93 -8.10
CA MET A 221 -14.97 5.24 -8.70
C MET A 221 -14.61 5.10 -10.17
N ASP A 222 -14.63 6.23 -10.88
CA ASP A 222 -14.27 6.27 -12.29
C ASP A 222 -12.77 6.49 -12.31
N VAL A 223 -12.04 5.39 -12.46
CA VAL A 223 -10.58 5.40 -12.43
C VAL A 223 -9.85 5.53 -13.76
N THR A 224 -8.87 6.43 -13.78
CA THR A 224 -8.05 6.64 -14.96
C THR A 224 -6.60 6.43 -14.51
N LEU A 225 -5.91 5.50 -15.16
CA LEU A 225 -4.52 5.23 -14.87
C LEU A 225 -3.69 6.08 -15.82
N LEU A 226 -3.18 7.20 -15.31
CA LEU A 226 -2.37 8.12 -16.10
C LEU A 226 -0.90 7.76 -15.96
N CYS A 227 -0.26 7.48 -17.09
CA CYS A 227 1.17 7.14 -17.11
C CYS A 227 1.79 7.57 -18.44
N PRO A 228 3.11 7.80 -18.44
CA PRO A 228 3.82 8.22 -19.67
C PRO A 228 3.55 7.39 -20.92
N THR A 229 3.91 6.11 -20.89
CA THR A 229 3.71 5.24 -22.05
C THR A 229 3.07 3.92 -21.65
N PRO A 230 2.65 3.12 -22.65
CA PRO A 230 2.03 1.82 -22.36
C PRO A 230 2.94 0.91 -21.55
N ASP A 231 4.25 1.18 -21.58
CA ASP A 231 5.23 0.38 -20.83
C ASP A 231 5.07 0.57 -19.33
N TYR A 232 4.39 1.65 -18.92
CA TYR A 232 4.20 1.93 -17.50
C TYR A 232 2.86 1.44 -16.95
N ILE A 233 2.18 0.60 -17.72
CA ILE A 233 0.91 0.05 -17.29
C ILE A 233 1.27 -1.00 -16.24
N LEU A 234 0.45 -1.10 -15.20
CA LEU A 234 0.71 -2.03 -14.10
C LEU A 234 0.58 -3.49 -14.50
N ASP A 235 1.14 -4.38 -13.67
CA ASP A 235 1.09 -5.80 -13.91
C ASP A 235 -0.34 -6.24 -14.23
N GLU A 236 -0.49 -7.23 -15.11
CA GLU A 236 -1.81 -7.72 -15.50
C GLU A 236 -2.67 -8.14 -14.32
N ARG A 237 -2.02 -8.73 -13.31
CA ARG A 237 -2.74 -9.19 -12.12
C ARG A 237 -3.64 -8.10 -11.56
N TYR A 238 -3.09 -6.90 -11.40
CA TYR A 238 -3.82 -5.78 -10.83
C TYR A 238 -4.77 -5.12 -11.83
N MET A 239 -4.40 -5.13 -13.11
CA MET A 239 -5.28 -4.55 -14.12
C MET A 239 -6.54 -5.40 -14.15
N ASP A 240 -6.37 -6.71 -13.95
CA ASP A 240 -7.50 -7.63 -13.94
C ASP A 240 -8.33 -7.51 -12.67
N TRP A 241 -7.67 -7.30 -11.54
CA TRP A 241 -8.41 -7.14 -10.29
C TRP A 241 -9.29 -5.91 -10.47
N ALA A 242 -8.71 -4.87 -11.07
CA ALA A 242 -9.41 -3.62 -11.30
C ALA A 242 -10.63 -3.80 -12.21
N ALA A 243 -10.45 -4.56 -13.28
CA ALA A 243 -11.54 -4.80 -14.23
C ALA A 243 -12.67 -5.53 -13.53
N GLN A 244 -12.33 -6.51 -12.71
CA GLN A 244 -13.34 -7.27 -11.98
C GLN A 244 -14.02 -6.41 -10.94
N ASN A 245 -13.26 -5.48 -10.35
CA ASN A 245 -13.81 -4.60 -9.33
C ASN A 245 -14.82 -3.63 -9.93
N VAL A 246 -14.48 -3.05 -11.07
CA VAL A 246 -15.36 -2.11 -11.76
C VAL A 246 -16.68 -2.76 -12.11
N ALA A 247 -16.62 -3.99 -12.60
CA ALA A 247 -17.82 -4.73 -12.98
C ALA A 247 -18.73 -4.97 -11.79
N GLU A 248 -18.14 -5.16 -10.61
CA GLU A 248 -18.92 -5.41 -9.39
C GLU A 248 -19.32 -4.13 -8.65
N SER A 249 -18.48 -3.11 -8.73
CA SER A 249 -18.73 -1.84 -8.04
C SER A 249 -19.55 -0.84 -8.84
N GLY A 250 -19.49 -0.93 -10.16
CA GLY A 250 -20.24 0.01 -10.99
C GLY A 250 -19.40 1.19 -11.44
N GLY A 251 -18.09 1.14 -11.16
CA GLY A 251 -17.21 2.22 -11.57
C GLY A 251 -16.73 2.03 -13.00
N SER A 252 -15.50 2.45 -13.28
CA SER A 252 -14.93 2.32 -14.61
C SER A 252 -13.40 2.43 -14.57
N LEU A 253 -12.75 1.79 -15.53
CA LEU A 253 -11.29 1.82 -15.61
C LEU A 253 -10.84 2.32 -16.97
N GLN A 254 -9.79 3.14 -16.98
CA GLN A 254 -9.27 3.70 -18.21
C GLN A 254 -7.79 4.01 -18.09
N VAL A 255 -7.04 3.76 -19.17
CA VAL A 255 -5.61 4.04 -19.18
C VAL A 255 -5.40 5.27 -20.07
N SER A 256 -4.60 6.22 -19.61
CA SER A 256 -4.35 7.43 -20.38
C SER A 256 -2.89 7.88 -20.32
N HIS A 257 -2.45 8.52 -21.40
CA HIS A 257 -1.09 9.02 -21.48
C HIS A 257 -1.09 10.52 -21.71
N ASP A 258 -2.28 11.12 -21.66
CA ASP A 258 -2.44 12.56 -21.84
C ASP A 258 -2.76 13.21 -20.51
N ILE A 259 -1.83 14.00 -20.00
CA ILE A 259 -1.99 14.69 -18.72
C ILE A 259 -3.27 15.51 -18.59
N ASP A 260 -3.41 16.53 -19.43
CA ASP A 260 -4.56 17.42 -19.39
C ASP A 260 -5.94 16.76 -19.37
N SER A 261 -6.19 15.83 -20.28
CA SER A 261 -7.49 15.16 -20.34
C SER A 261 -7.74 14.31 -19.10
N ALA A 262 -6.66 13.92 -18.42
CA ALA A 262 -6.77 13.10 -17.23
C ALA A 262 -7.25 13.92 -16.04
N TYR A 263 -6.48 14.94 -15.66
CA TYR A 263 -6.82 15.80 -14.53
C TYR A 263 -8.16 16.53 -14.67
N ALA A 264 -8.61 16.74 -15.90
CA ALA A 264 -9.86 17.45 -16.15
C ALA A 264 -11.06 16.89 -15.39
N GLY A 265 -11.62 17.72 -14.51
CA GLY A 265 -12.78 17.31 -13.73
C GLY A 265 -12.53 16.24 -12.68
N ALA A 266 -11.26 15.96 -12.40
CA ALA A 266 -10.91 14.95 -11.41
C ALA A 266 -11.36 15.37 -10.01
N ASP A 267 -11.77 14.39 -9.21
CA ASP A 267 -12.19 14.65 -7.83
C ASP A 267 -11.05 14.26 -6.89
N VAL A 268 -10.25 13.30 -7.35
CA VAL A 268 -9.11 12.83 -6.57
C VAL A 268 -7.92 12.55 -7.48
N VAL A 269 -6.73 12.93 -7.02
CA VAL A 269 -5.48 12.70 -7.74
C VAL A 269 -4.46 12.07 -6.78
N TYR A 270 -4.09 10.83 -7.06
CA TYR A 270 -3.11 10.10 -6.23
C TYR A 270 -1.87 9.88 -7.08
N ALA A 271 -0.74 10.39 -6.61
CA ALA A 271 0.50 10.25 -7.36
C ALA A 271 1.43 9.20 -6.76
N LYS A 272 2.19 8.55 -7.64
CA LYS A 272 3.14 7.53 -7.23
C LYS A 272 4.08 7.23 -8.39
N SER A 273 5.37 7.07 -8.10
CA SER A 273 6.36 6.78 -9.11
C SER A 273 6.69 5.30 -9.07
N TRP A 274 7.00 4.73 -10.24
CA TRP A 274 7.36 3.32 -10.32
C TRP A 274 8.11 3.03 -11.61
N GLY A 275 9.00 2.05 -11.56
CA GLY A 275 9.75 1.69 -12.75
C GLY A 275 8.92 0.84 -13.67
N ALA A 276 9.06 1.05 -14.97
CA ALA A 276 8.32 0.28 -15.96
C ALA A 276 8.67 -1.20 -15.80
N LEU A 277 7.65 -2.02 -15.57
CA LEU A 277 7.85 -3.46 -15.37
C LEU A 277 8.69 -4.14 -16.45
N PRO A 278 8.42 -3.86 -17.74
CA PRO A 278 9.19 -4.49 -18.81
C PRO A 278 10.70 -4.23 -18.74
N PHE A 279 11.10 -3.21 -17.98
CA PHE A 279 12.52 -2.88 -17.82
C PHE A 279 13.04 -3.33 -16.47
N PHE A 280 12.34 -4.28 -15.85
CA PHE A 280 12.75 -4.78 -14.54
C PHE A 280 14.07 -5.55 -14.64
N GLY A 281 15.01 -5.21 -13.77
CA GLY A 281 16.30 -5.88 -13.79
C GLY A 281 17.29 -5.22 -14.73
N ASN A 282 16.77 -4.55 -15.76
CA ASN A 282 17.58 -3.86 -16.75
C ASN A 282 17.12 -2.41 -16.79
N TRP A 283 17.38 -1.69 -15.70
CA TRP A 283 16.99 -0.29 -15.58
C TRP A 283 17.85 0.71 -16.34
N GLU A 284 18.98 0.25 -16.87
CA GLU A 284 19.86 1.14 -17.63
C GLU A 284 19.14 1.91 -18.73
N PRO A 285 18.46 1.20 -19.65
CA PRO A 285 17.75 1.88 -20.73
C PRO A 285 16.44 2.55 -20.31
N GLU A 286 15.96 2.25 -19.10
CA GLU A 286 14.71 2.83 -18.63
C GLU A 286 14.95 4.21 -18.02
N LYS A 287 16.20 4.47 -17.64
CA LYS A 287 16.56 5.75 -17.04
C LYS A 287 16.29 6.91 -17.99
N PRO A 288 16.81 6.85 -19.23
CA PRO A 288 16.57 7.94 -20.18
C PRO A 288 15.10 8.09 -20.56
N ILE A 289 14.31 7.08 -20.26
CA ILE A 289 12.89 7.10 -20.57
C ILE A 289 12.09 7.87 -19.50
N ARG A 290 12.39 7.62 -18.23
CA ARG A 290 11.71 8.30 -17.14
C ARG A 290 12.13 9.77 -17.09
N ASP A 291 13.41 10.01 -17.37
CA ASP A 291 13.97 11.36 -17.34
C ASP A 291 13.34 12.34 -18.33
N GLN A 292 12.67 11.82 -19.35
CA GLN A 292 12.04 12.69 -20.33
C GLN A 292 10.56 12.94 -20.00
N TYR A 293 10.16 12.56 -18.80
CA TYR A 293 8.78 12.75 -18.35
C TYR A 293 8.74 13.38 -16.96
N GLN A 294 9.71 14.25 -16.69
CA GLN A 294 9.79 14.94 -15.40
C GLN A 294 8.60 15.88 -15.25
N HIS A 295 7.95 16.18 -16.36
CA HIS A 295 6.79 17.08 -16.35
C HIS A 295 5.53 16.44 -15.80
N PHE A 296 5.64 15.21 -15.30
CA PHE A 296 4.49 14.52 -14.73
C PHE A 296 4.32 14.93 -13.28
N ILE A 297 5.26 15.75 -12.79
CA ILE A 297 5.23 16.24 -11.43
C ILE A 297 3.90 16.96 -11.16
N VAL A 298 3.27 16.66 -10.03
CA VAL A 298 2.00 17.27 -9.68
C VAL A 298 2.21 18.70 -9.18
N ASP A 299 1.74 19.67 -9.96
CA ASP A 299 1.87 21.08 -9.61
C ASP A 299 0.52 21.80 -9.61
N GLU A 300 0.54 23.10 -9.36
CA GLU A 300 -0.68 23.89 -9.32
C GLU A 300 -1.43 23.91 -10.65
N ARG A 301 -0.68 23.98 -11.75
CA ARG A 301 -1.29 24.02 -13.08
C ARG A 301 -2.19 22.83 -13.34
N LYS A 302 -1.70 21.63 -13.00
CA LYS A 302 -2.48 20.42 -13.20
C LYS A 302 -3.67 20.33 -12.25
N MET A 303 -3.41 20.58 -10.96
CA MET A 303 -4.48 20.53 -9.97
C MET A 303 -5.56 21.56 -10.25
N ALA A 304 -5.21 22.62 -10.96
CA ALA A 304 -6.18 23.67 -11.29
C ALA A 304 -7.16 23.16 -12.35
N LEU A 305 -6.80 22.08 -13.03
CA LEU A 305 -7.67 21.52 -14.07
C LEU A 305 -8.71 20.59 -13.46
N THR A 306 -8.52 20.24 -12.18
CA THR A 306 -9.44 19.34 -11.49
C THR A 306 -10.69 20.01 -10.95
N ASN A 307 -11.67 19.20 -10.59
CA ASN A 307 -12.92 19.71 -10.04
C ASN A 307 -12.69 19.96 -8.55
N ASN A 308 -11.83 20.93 -8.26
CA ASN A 308 -11.47 21.26 -6.89
C ASN A 308 -11.07 19.95 -6.21
N GLY A 309 -10.38 19.11 -6.97
CA GLY A 309 -9.94 17.82 -6.48
C GLY A 309 -8.93 17.80 -5.35
N VAL A 310 -8.86 16.66 -4.69
CA VAL A 310 -7.92 16.48 -3.58
C VAL A 310 -6.70 15.73 -4.07
N PHE A 311 -5.56 15.99 -3.44
CA PHE A 311 -4.31 15.32 -3.79
C PHE A 311 -3.77 14.57 -2.59
N SER A 312 -3.11 13.45 -2.83
CA SER A 312 -2.52 12.69 -1.74
C SER A 312 -1.38 11.84 -2.25
N HIS A 313 -0.58 11.36 -1.30
CA HIS A 313 0.57 10.51 -1.59
C HIS A 313 0.74 9.66 -0.34
N CYS A 314 1.21 8.43 -0.50
CA CYS A 314 1.41 7.52 0.62
C CYS A 314 2.55 7.94 1.54
N LEU A 315 3.50 8.69 0.99
CA LEU A 315 4.67 9.16 1.73
C LEU A 315 5.59 7.97 2.01
N PRO A 316 6.91 8.20 2.14
CA PRO A 316 7.63 9.48 2.05
C PRO A 316 7.61 10.12 0.67
N LEU A 317 7.55 11.45 0.64
CA LEU A 317 7.51 12.18 -0.63
C LEU A 317 8.66 13.18 -0.82
N ARG A 318 9.32 13.10 -1.97
CA ARG A 318 10.41 14.00 -2.31
C ARG A 318 9.82 15.27 -2.90
N ARG A 319 9.92 16.38 -2.17
CA ARG A 319 9.37 17.65 -2.63
C ARG A 319 10.06 18.21 -3.87
N ASN A 320 9.25 18.81 -4.74
CA ASN A 320 9.73 19.41 -5.99
C ASN A 320 10.28 18.38 -6.97
N VAL A 321 9.83 17.14 -6.80
CA VAL A 321 10.22 16.04 -7.67
C VAL A 321 8.95 15.27 -8.00
N ALA A 323 5.93 16.05 -6.25
CA ALA A 323 4.91 17.09 -6.14
C ALA A 323 5.61 18.38 -5.71
N THR A 324 5.04 19.52 -6.09
CA THR A 324 5.62 20.80 -5.76
C THR A 324 5.27 21.25 -4.34
N ASP A 325 6.08 22.16 -3.81
CA ASP A 325 5.87 22.70 -2.48
C ASP A 325 4.46 23.27 -2.36
N ALA A 326 4.01 23.97 -3.40
CA ALA A 326 2.69 24.58 -3.41
C ALA A 326 1.59 23.54 -3.27
N VAL A 327 1.68 22.46 -4.02
CA VAL A 327 0.68 21.40 -3.96
C VAL A 327 0.69 20.72 -2.59
N MET A 328 1.89 20.44 -2.07
CA MET A 328 2.02 19.80 -0.77
C MET A 328 1.48 20.65 0.36
N ASP A 329 1.65 21.97 0.24
CA ASP A 329 1.19 22.90 1.27
C ASP A 329 -0.24 23.37 1.02
N SER A 330 -0.84 22.89 -0.06
CA SER A 330 -2.21 23.26 -0.42
C SER A 330 -3.22 22.66 0.56
N PRO A 331 -4.35 23.35 0.78
CA PRO A 331 -5.37 22.83 1.70
C PRO A 331 -6.08 21.62 1.11
N ASN A 332 -5.86 21.39 -0.18
CA ASN A 332 -6.47 20.26 -0.87
C ASN A 332 -5.65 18.99 -0.74
N CYS A 333 -4.47 19.10 -0.13
CA CYS A 333 -3.60 17.95 0.07
C CYS A 333 -4.02 17.27 1.36
N ILE A 334 -4.49 16.02 1.25
CA ILE A 334 -4.93 15.28 2.42
C ILE A 334 -3.93 14.20 2.84
N ALA A 335 -2.69 14.32 2.36
CA ALA A 335 -1.66 13.33 2.67
C ALA A 335 -1.44 13.14 4.18
N ILE A 336 -1.54 14.21 4.95
CA ILE A 336 -1.31 14.07 6.40
C ILE A 336 -2.47 13.32 7.03
N ASP A 337 -3.68 13.58 6.54
CA ASP A 337 -4.84 12.88 7.06
C ASP A 337 -4.77 11.40 6.72
N GLU A 338 -4.34 11.10 5.49
CA GLU A 338 -4.21 9.71 5.07
C GLU A 338 -3.17 9.01 5.95
N ALA A 339 -2.06 9.69 6.23
CA ALA A 339 -1.02 9.13 7.09
C ALA A 339 -1.58 8.82 8.48
N GLU A 340 -2.35 9.74 9.04
CA GLU A 340 -2.94 9.52 10.35
C GLU A 340 -3.83 8.29 10.35
N ASN A 341 -4.66 8.18 9.31
CA ASN A 341 -5.58 7.06 9.22
C ASN A 341 -4.92 5.69 9.21
N ARG A 342 -3.62 5.65 8.92
CA ARG A 342 -2.91 4.38 8.95
C ARG A 342 -3.06 3.79 10.37
N LEU A 343 -2.97 4.65 11.37
CA LEU A 343 -3.09 4.22 12.77
C LEU A 343 -4.46 3.61 13.07
N HIS A 344 -5.51 4.29 12.63
CA HIS A 344 -6.87 3.82 12.90
C HIS A 344 -7.28 2.55 12.16
N VAL A 345 -6.96 2.45 10.87
CA VAL A 345 -7.35 1.26 10.11
C VAL A 345 -6.55 0.04 10.54
N GLN A 346 -5.32 0.24 10.96
CA GLN A 346 -4.49 -0.88 11.39
C GLN A 346 -5.00 -1.44 12.72
N LYS A 347 -5.51 -0.57 13.58
CA LYS A 347 -6.07 -1.05 14.84
C LYS A 347 -7.32 -1.87 14.53
N ALA A 348 -8.10 -1.45 13.53
CA ALA A 348 -9.30 -2.18 13.14
C ALA A 348 -8.91 -3.57 12.60
N ILE A 349 -7.82 -3.60 11.81
CA ILE A 349 -7.32 -4.85 11.24
C ILE A 349 -6.83 -5.81 12.32
N MET A 350 -6.00 -5.34 13.24
CA MET A 350 -5.49 -6.21 14.30
C MET A 350 -6.66 -6.70 15.17
N ALA A 351 -7.60 -5.80 15.49
CA ALA A 351 -8.74 -6.17 16.31
C ALA A 351 -9.57 -7.26 15.64
N ALA A 352 -9.75 -7.15 14.33
CA ALA A 352 -10.55 -8.13 13.58
C ALA A 352 -9.87 -9.49 13.48
N LEU A 353 -8.54 -9.50 13.40
CA LEU A 353 -7.82 -10.77 13.24
C LEU A 353 -7.52 -11.53 14.53
N VAL A 354 -7.30 -10.80 15.62
CA VAL A 354 -6.95 -11.42 16.90
C VAL A 354 -8.04 -12.34 17.42
#